data_7EI0
#
_entry.id   7EI0
#
_cell.length_a   115.550
_cell.length_b   115.550
_cell.length_c   240.891
_cell.angle_alpha   90.000
_cell.angle_beta   90.000
_cell.angle_gamma   90.000
#
_symmetry.space_group_name_H-M   'P 41 21 2'
#
loop_
_entity.id
_entity.type
_entity.pdbx_description
1 polymer 'Cysteine proteinase falcipain 2a'
2 non-polymer 'TRIETHYLENE GLYCOL'
3 non-polymer 'SULFATE ION'
4 non-polymer 1,2-ETHANEDIOL
5 non-polymer 'SODIUM ION'
6 non-polymer 'CHLORIDE ION'
7 water water
#
_entity_poly.entity_id   1
_entity_poly.type   'polypeptide(L)'
_entity_poly.pdbx_seq_one_letter_code
;QMNYEEVIKKYKGNENFDHAAYDWRLHSGVTPVKDQKNCGS(YCM)WAFSSIGSVESQYAIRKNKLITLSEQELVDCSFK
NYGCNGGLINNAFEDMIELGGICTDDDYPYVSDAPNLCNIDRCTEKYGIKNYLSVPDNKLKEALRFLGPISISVAVSDDF
AFYKEGIFDGECGDQLNHAVMLVGFGMKEIVNPLTKKGEKHYYYIIKNSWGQQWGERGFINIETDESGLMRKCGLGTDAF
IPLIE
;
_entity_poly.pdbx_strand_id   A,B
#
# COMPACT_ATOMS: atom_id res chain seq x y z
N GLN A 1 0.65 -6.45 -18.63
CA GLN A 1 1.71 -6.11 -19.55
C GLN A 1 2.12 -7.31 -20.40
N MET A 2 3.03 -7.02 -21.33
CA MET A 2 3.60 -7.98 -22.25
C MET A 2 2.78 -8.17 -23.53
N ASN A 3 2.23 -9.37 -23.74
CA ASN A 3 1.42 -9.71 -24.91
C ASN A 3 0.90 -11.13 -24.74
N TYR A 4 -0.41 -11.30 -24.63
CA TYR A 4 -0.95 -12.63 -24.43
C TYR A 4 -0.32 -13.55 -25.47
N GLU A 5 -0.73 -13.38 -26.72
CA GLU A 5 -0.27 -14.17 -27.87
C GLU A 5 1.22 -14.48 -27.84
N GLU A 6 2.01 -13.50 -27.37
CA GLU A 6 3.45 -13.68 -27.30
C GLU A 6 3.84 -14.78 -26.34
N VAL A 7 3.16 -14.87 -25.20
CA VAL A 7 3.54 -15.88 -24.23
C VAL A 7 2.80 -17.19 -24.47
N ILE A 8 1.52 -17.10 -24.83
CA ILE A 8 0.74 -18.31 -25.06
C ILE A 8 1.44 -19.19 -26.10
N LYS A 9 2.15 -18.60 -27.05
CA LYS A 9 2.83 -19.44 -28.01
C LYS A 9 3.96 -20.20 -27.34
N LYS A 10 4.72 -19.52 -26.48
CA LYS A 10 5.86 -20.11 -25.76
C LYS A 10 5.46 -21.26 -24.83
N TYR A 11 4.17 -21.41 -24.54
CA TYR A 11 3.64 -22.46 -23.67
C TYR A 11 2.65 -23.35 -24.41
N LYS A 12 1.64 -22.74 -25.04
CA LYS A 12 0.52 -23.47 -25.62
C LYS A 12 1.00 -24.44 -26.68
N GLY A 13 0.61 -25.69 -26.49
CA GLY A 13 0.67 -26.66 -27.56
C GLY A 13 -0.61 -26.54 -28.37
N ASN A 14 -0.46 -26.38 -29.68
CA ASN A 14 -1.63 -26.30 -30.56
C ASN A 14 -2.41 -27.63 -30.50
N GLU A 15 -3.28 -27.81 -29.51
CA GLU A 15 -4.01 -29.08 -29.43
C GLU A 15 -5.45 -28.91 -28.97
N ASN A 16 -6.07 -27.77 -29.24
CA ASN A 16 -7.45 -27.53 -28.84
C ASN A 16 -7.78 -28.23 -27.52
N PHE A 17 -7.02 -27.93 -26.47
CA PHE A 17 -7.15 -28.46 -25.11
C PHE A 17 -8.59 -28.88 -24.75
N ASP A 18 -8.74 -29.81 -23.82
CA ASP A 18 -10.09 -30.24 -23.45
C ASP A 18 -10.78 -29.06 -22.79
N HIS A 19 -11.86 -28.59 -23.41
CA HIS A 19 -12.61 -27.44 -22.93
C HIS A 19 -13.63 -27.73 -21.85
N ALA A 20 -13.83 -29.01 -21.48
CA ALA A 20 -14.84 -29.32 -20.47
C ALA A 20 -14.32 -29.19 -19.05
N ALA A 21 -13.06 -29.57 -18.81
CA ALA A 21 -12.59 -29.48 -17.43
C ALA A 21 -11.08 -29.66 -17.31
N TYR A 22 -10.49 -28.90 -16.39
CA TYR A 22 -9.08 -29.00 -15.99
C TYR A 22 -9.06 -28.33 -14.62
N ASP A 23 -8.52 -28.99 -13.60
CA ASP A 23 -8.55 -28.47 -12.23
C ASP A 23 -7.17 -28.37 -11.58
N TRP A 24 -6.57 -27.17 -11.56
CA TRP A 24 -5.24 -27.00 -10.98
C TRP A 24 -5.10 -27.53 -9.55
N ARG A 25 -6.20 -27.63 -8.83
CA ARG A 25 -6.15 -28.13 -7.46
C ARG A 25 -5.48 -29.49 -7.45
N LEU A 26 -5.90 -30.40 -8.33
CA LEU A 26 -5.37 -31.76 -8.41
C LEU A 26 -4.26 -31.88 -9.44
N HIS A 27 -3.34 -30.93 -9.41
CA HIS A 27 -2.15 -30.92 -10.26
C HIS A 27 -1.06 -30.10 -9.60
N SER A 28 -1.16 -29.89 -8.29
CA SER A 28 -0.16 -29.14 -7.58
C SER A 28 -0.13 -27.69 -8.07
N GLY A 29 -1.30 -27.08 -8.20
CA GLY A 29 -1.29 -25.71 -8.64
C GLY A 29 -2.06 -24.76 -7.74
N VAL A 30 -2.53 -25.24 -6.60
CA VAL A 30 -3.35 -24.41 -5.73
C VAL A 30 -2.90 -24.49 -4.28
N THR A 31 -2.34 -23.38 -3.77
CA THR A 31 -1.90 -23.30 -2.40
C THR A 31 -3.10 -23.28 -1.47
N PRO A 32 -2.91 -23.62 -0.19
CA PRO A 32 -4.03 -23.63 0.77
C PRO A 32 -4.76 -22.29 0.83
N VAL A 33 -6.08 -22.35 1.07
CA VAL A 33 -6.86 -21.11 1.16
C VAL A 33 -6.53 -20.33 2.42
N LYS A 34 -6.58 -19.00 2.32
CA LYS A 34 -6.29 -18.19 3.49
C LYS A 34 -7.55 -17.48 3.86
N ASP A 35 -7.45 -16.58 4.82
CA ASP A 35 -8.61 -15.86 5.32
C ASP A 35 -8.29 -14.39 5.52
N GLN A 36 -8.89 -13.52 4.70
CA GLN A 36 -8.62 -12.09 4.85
C GLN A 36 -9.22 -11.48 6.10
N LYS A 37 -10.04 -12.21 6.84
CA LYS A 37 -10.60 -11.66 8.06
C LYS A 37 -11.28 -10.32 7.78
N ASN A 38 -11.39 -9.48 8.79
CA ASN A 38 -12.11 -8.22 8.63
C ASN A 38 -11.41 -7.09 7.89
N CYS A 39 -10.48 -7.38 7.00
CA CYS A 39 -9.83 -6.32 6.25
C CYS A 39 -10.14 -6.50 4.76
N GLY A 40 -10.47 -5.40 4.08
CA GLY A 40 -10.81 -5.53 2.67
C GLY A 40 -9.58 -5.67 1.79
N SER A 41 -8.80 -6.71 1.99
CA SER A 41 -7.57 -6.88 1.24
C SER A 41 -7.67 -7.92 0.16
N TRP A 43 -7.92 -7.94 -3.13
CA TRP A 43 -6.94 -7.67 -4.21
C TRP A 43 -5.58 -8.27 -3.89
N ALA A 44 -5.16 -8.12 -2.62
CA ALA A 44 -3.87 -8.65 -2.20
C ALA A 44 -3.84 -10.17 -2.13
N PHE A 45 -4.85 -10.78 -1.51
CA PHE A 45 -4.80 -12.23 -1.38
C PHE A 45 -4.78 -12.92 -2.74
N SER A 46 -5.55 -12.39 -3.69
CA SER A 46 -5.63 -13.03 -5.01
C SER A 46 -4.31 -12.90 -5.75
N SER A 47 -3.78 -11.68 -5.84
CA SER A 47 -2.52 -11.53 -6.55
C SER A 47 -1.43 -12.37 -5.87
N ILE A 48 -1.28 -12.26 -4.55
CA ILE A 48 -0.30 -13.07 -3.84
C ILE A 48 -0.54 -14.55 -4.21
N GLY A 49 -1.80 -14.96 -4.12
CA GLY A 49 -2.20 -16.31 -4.46
C GLY A 49 -1.76 -16.81 -5.83
N SER A 50 -1.93 -15.98 -6.87
CA SER A 50 -1.52 -16.41 -8.21
C SER A 50 -0.03 -16.62 -8.29
N VAL A 51 0.72 -15.86 -7.49
CA VAL A 51 2.15 -16.01 -7.43
C VAL A 51 2.49 -17.32 -6.76
N GLU A 52 1.83 -17.62 -5.63
CA GLU A 52 2.10 -18.87 -4.93
C GLU A 52 1.94 -20.06 -5.87
N SER A 53 0.91 -20.00 -6.73
CA SER A 53 0.62 -21.04 -7.70
C SER A 53 1.67 -21.10 -8.78
N GLN A 54 2.15 -19.93 -9.21
CA GLN A 54 3.19 -19.91 -10.22
C GLN A 54 4.41 -20.65 -9.69
N TYR A 55 4.71 -20.46 -8.40
CA TYR A 55 5.84 -21.16 -7.79
C TYR A 55 5.57 -22.64 -7.66
N ALA A 56 4.43 -22.99 -7.08
CA ALA A 56 4.04 -24.38 -6.92
C ALA A 56 4.08 -25.16 -8.24
N ILE A 57 3.81 -24.48 -9.35
CA ILE A 57 3.79 -25.09 -10.68
C ILE A 57 5.20 -25.03 -11.26
N ARG A 58 5.59 -23.91 -11.89
CA ARG A 58 6.92 -23.75 -12.49
C ARG A 58 8.13 -24.27 -11.69
N LYS A 59 8.61 -23.50 -10.69
CA LYS A 59 9.74 -23.86 -9.82
C LYS A 59 9.47 -24.93 -8.73
N ASN A 60 8.40 -25.73 -8.90
CA ASN A 60 7.86 -26.78 -8.01
C ASN A 60 8.17 -26.68 -6.50
N LYS A 61 7.78 -25.56 -5.84
CA LYS A 61 7.97 -25.34 -4.40
C LYS A 61 6.71 -24.71 -3.80
N LEU A 62 6.33 -25.17 -2.60
CA LEU A 62 5.17 -24.66 -1.89
C LEU A 62 5.67 -23.63 -0.89
N ILE A 63 5.13 -22.43 -0.99
CA ILE A 63 5.57 -21.37 -0.10
C ILE A 63 4.39 -20.43 0.05
N THR A 64 4.11 -19.97 1.26
CA THR A 64 3.03 -19.00 1.44
C THR A 64 3.72 -17.68 1.73
N LEU A 65 3.30 -16.63 1.03
CA LEU A 65 3.88 -15.30 1.08
C LEU A 65 2.99 -14.33 1.85
N SER A 66 3.61 -13.24 2.31
CA SER A 66 2.93 -12.24 3.13
C SER A 66 1.97 -11.35 2.37
N GLU A 67 0.66 -11.54 2.58
CA GLU A 67 -0.31 -10.64 2.00
C GLU A 67 -0.21 -9.31 2.74
N GLN A 68 0.10 -9.42 4.04
CA GLN A 68 0.22 -8.26 4.92
C GLN A 68 1.28 -7.31 4.43
N GLU A 69 2.33 -7.83 3.84
CA GLU A 69 3.37 -6.97 3.35
C GLU A 69 2.93 -6.14 2.16
N LEU A 70 1.94 -6.61 1.41
CA LEU A 70 1.45 -5.82 0.29
C LEU A 70 0.57 -4.69 0.84
N VAL A 71 -0.31 -5.05 1.78
CA VAL A 71 -1.18 -4.06 2.39
C VAL A 71 -0.36 -2.95 3.06
N ASP A 72 0.85 -3.28 3.53
CA ASP A 72 1.64 -2.27 4.22
C ASP A 72 2.56 -1.46 3.31
N CYS A 73 3.02 -2.02 2.20
CA CYS A 73 3.96 -1.26 1.40
C CYS A 73 3.49 -0.93 0.00
N SER A 74 2.44 -1.59 -0.51
CA SER A 74 1.98 -1.25 -1.85
C SER A 74 1.30 0.12 -1.78
N PHE A 75 2.01 1.16 -2.23
CA PHE A 75 1.50 2.51 -2.16
C PHE A 75 0.57 2.84 -3.30
N LYS A 76 0.56 2.02 -4.35
CA LYS A 76 -0.34 2.25 -5.45
C LYS A 76 -1.71 1.70 -5.12
N ASN A 77 -1.92 1.29 -3.87
CA ASN A 77 -3.21 0.76 -3.44
C ASN A 77 -3.62 1.45 -2.15
N TYR A 78 -4.72 1.00 -1.53
CA TYR A 78 -5.19 1.67 -0.31
C TYR A 78 -5.39 0.67 0.81
N GLY A 79 -4.40 -0.19 1.02
CA GLY A 79 -4.45 -1.18 2.07
C GLY A 79 -5.81 -1.83 2.20
N CYS A 80 -6.31 -1.93 3.43
CA CYS A 80 -7.58 -2.60 3.71
C CYS A 80 -8.77 -1.98 2.99
N ASN A 81 -8.61 -0.80 2.41
CA ASN A 81 -9.70 -0.13 1.73
C ASN A 81 -9.78 -0.49 0.25
N GLY A 82 -9.05 -1.50 -0.20
CA GLY A 82 -9.14 -1.93 -1.58
C GLY A 82 -7.86 -1.67 -2.35
N GLY A 83 -7.81 -2.26 -3.54
CA GLY A 83 -6.66 -2.12 -4.43
C GLY A 83 -6.95 -2.81 -5.74
N LEU A 84 -5.98 -2.75 -6.66
CA LEU A 84 -6.18 -3.34 -7.98
C LEU A 84 -5.12 -4.39 -8.24
N ILE A 85 -5.55 -5.56 -8.71
CA ILE A 85 -4.68 -6.69 -9.00
C ILE A 85 -3.41 -6.23 -9.71
N ASN A 86 -3.56 -5.53 -10.84
CA ASN A 86 -2.37 -5.12 -11.60
C ASN A 86 -1.48 -4.17 -10.79
N ASN A 87 -2.06 -3.28 -9.98
CA ASN A 87 -1.23 -2.40 -9.15
C ASN A 87 -0.37 -3.25 -8.23
N ALA A 88 -0.96 -4.27 -7.62
CA ALA A 88 -0.22 -5.16 -6.74
C ALA A 88 1.01 -5.71 -7.46
N PHE A 89 0.81 -6.43 -8.57
CA PHE A 89 1.96 -6.96 -9.30
C PHE A 89 3.00 -5.84 -9.57
N GLU A 90 2.54 -4.64 -9.90
CA GLU A 90 3.40 -3.47 -10.14
C GLU A 90 4.23 -3.28 -8.90
N ASP A 91 3.58 -2.86 -7.80
CA ASP A 91 4.32 -2.65 -6.58
C ASP A 91 5.18 -3.88 -6.23
N MET A 92 4.74 -5.08 -6.64
CA MET A 92 5.54 -6.28 -6.40
C MET A 92 6.85 -6.21 -7.13
N ILE A 93 6.83 -5.77 -8.38
CA ILE A 93 8.08 -5.69 -9.09
C ILE A 93 8.96 -4.59 -8.47
N GLU A 94 8.36 -3.45 -8.15
CA GLU A 94 9.11 -2.37 -7.51
C GLU A 94 9.77 -2.86 -6.21
N LEU A 95 9.04 -3.61 -5.40
CA LEU A 95 9.59 -4.06 -4.13
C LEU A 95 10.56 -5.21 -4.30
N GLY A 96 10.64 -5.79 -5.49
CA GLY A 96 11.54 -6.89 -5.75
C GLY A 96 11.33 -8.06 -4.82
N GLY A 97 10.13 -8.64 -4.82
CA GLY A 97 9.85 -9.77 -3.96
C GLY A 97 9.13 -9.37 -2.69
N ILE A 98 8.47 -10.37 -2.09
CA ILE A 98 7.71 -10.24 -0.86
C ILE A 98 8.20 -11.22 0.18
N CYS A 99 8.20 -10.80 1.44
CA CYS A 99 8.62 -11.66 2.55
C CYS A 99 7.66 -12.84 2.70
N THR A 100 8.21 -14.00 3.04
CA THR A 100 7.38 -15.15 3.31
C THR A 100 6.32 -14.81 4.36
N ASP A 101 5.17 -15.48 4.23
CA ASP A 101 4.09 -15.45 5.21
C ASP A 101 4.55 -15.75 6.61
N ASP A 102 5.73 -16.31 6.75
CA ASP A 102 6.19 -16.73 8.05
C ASP A 102 6.99 -15.63 8.71
N ASP A 103 7.88 -14.98 7.96
CA ASP A 103 8.59 -13.82 8.49
C ASP A 103 7.73 -12.55 8.54
N TYR A 104 6.56 -12.51 7.90
CA TYR A 104 5.76 -11.29 7.86
C TYR A 104 4.31 -11.75 7.94
N PRO A 105 3.93 -12.32 9.08
CA PRO A 105 2.57 -12.82 9.27
C PRO A 105 1.52 -11.77 8.98
N TYR A 106 0.33 -12.26 8.61
CA TYR A 106 -0.82 -11.42 8.30
C TYR A 106 -1.45 -10.98 9.62
N VAL A 107 -1.93 -9.74 9.68
CA VAL A 107 -2.53 -9.23 10.91
C VAL A 107 -3.84 -8.47 10.66
N SER A 108 -4.51 -8.77 9.55
CA SER A 108 -5.76 -8.13 9.13
C SER A 108 -5.91 -6.61 9.26
N ASP A 109 -6.98 -6.10 9.90
CA ASP A 109 -7.22 -4.66 10.02
C ASP A 109 -6.37 -3.94 11.05
N ALA A 110 -5.53 -4.65 11.79
CA ALA A 110 -4.67 -4.03 12.82
C ALA A 110 -3.60 -3.10 12.26
N PRO A 111 -3.61 -1.78 12.61
CA PRO A 111 -2.57 -0.87 12.11
C PRO A 111 -1.21 -1.56 12.10
N ASN A 112 -0.34 -1.23 11.16
CA ASN A 112 0.89 -1.99 11.12
C ASN A 112 1.80 -1.33 10.11
N LEU A 113 2.98 -0.85 10.56
CA LEU A 113 3.89 -0.20 9.65
C LEU A 113 4.48 -1.17 8.64
N CYS A 114 5.00 -0.62 7.56
CA CYS A 114 5.60 -1.41 6.51
C CYS A 114 7.09 -1.51 6.80
N ASN A 115 7.60 -2.72 6.97
CA ASN A 115 9.03 -2.93 7.22
C ASN A 115 9.59 -3.92 6.20
N ILE A 116 10.17 -3.48 5.10
CA ILE A 116 10.66 -4.44 4.10
C ILE A 116 11.82 -5.30 4.58
N ASP A 117 12.48 -4.89 5.65
CA ASP A 117 13.64 -5.58 6.20
C ASP A 117 13.27 -6.75 7.09
N ARG A 118 11.98 -6.97 7.37
CA ARG A 118 11.60 -8.08 8.25
C ARG A 118 12.02 -9.46 7.77
N CYS A 119 12.74 -9.56 6.67
CA CYS A 119 13.20 -10.86 6.21
C CYS A 119 14.35 -10.67 5.27
N THR A 120 14.93 -11.79 4.85
CA THR A 120 16.06 -11.76 3.93
C THR A 120 15.86 -12.60 2.70
N GLU A 121 14.90 -13.50 2.68
CA GLU A 121 14.64 -14.31 1.51
C GLU A 121 13.32 -13.81 0.97
N LYS A 122 13.40 -12.91 0.01
CA LYS A 122 12.22 -12.31 -0.61
C LYS A 122 11.87 -13.10 -1.88
N TYR A 123 10.62 -13.50 -2.04
CA TYR A 123 10.21 -14.23 -3.23
C TYR A 123 9.51 -13.26 -4.20
N GLY A 124 9.98 -13.19 -5.45
CA GLY A 124 9.42 -12.25 -6.43
C GLY A 124 8.87 -12.72 -7.77
N ILE A 125 8.69 -11.79 -8.72
CA ILE A 125 8.18 -12.11 -10.06
C ILE A 125 8.91 -11.32 -11.13
N LYS A 126 9.21 -11.98 -12.25
CA LYS A 126 9.88 -11.30 -13.36
C LYS A 126 8.95 -10.26 -14.02
N ASN A 127 7.66 -10.58 -14.26
CA ASN A 127 6.67 -9.67 -14.89
C ASN A 127 5.26 -10.31 -14.74
N TYR A 128 4.22 -9.72 -15.38
CA TYR A 128 2.83 -10.21 -15.29
C TYR A 128 2.01 -9.86 -16.53
N LEU A 129 1.26 -10.84 -17.05
CA LEU A 129 0.41 -10.71 -18.23
C LEU A 129 -1.08 -10.46 -17.90
N SER A 130 -1.82 -9.93 -18.90
CA SER A 130 -3.27 -9.71 -18.84
C SER A 130 -3.98 -10.65 -19.79
N VAL A 131 -4.99 -11.39 -19.30
CA VAL A 131 -5.66 -12.31 -20.21
C VAL A 131 -6.92 -11.78 -20.90
N PRO A 132 -7.02 -12.01 -22.21
CA PRO A 132 -8.20 -11.58 -22.98
C PRO A 132 -9.51 -12.10 -22.41
N ASP A 133 -10.53 -11.23 -22.37
CA ASP A 133 -11.86 -11.59 -21.86
C ASP A 133 -12.43 -12.88 -22.45
N ASN A 134 -11.85 -13.41 -23.53
CA ASN A 134 -12.39 -14.62 -24.14
C ASN A 134 -11.35 -15.72 -24.36
N LYS A 135 -10.32 -15.73 -23.54
CA LYS A 135 -9.25 -16.71 -23.64
C LYS A 135 -8.94 -17.28 -22.26
N LEU A 136 -9.92 -17.25 -21.37
CA LEU A 136 -9.75 -17.74 -20.01
C LEU A 136 -9.49 -19.22 -19.99
N LYS A 137 -10.47 -20.04 -20.33
CA LYS A 137 -10.12 -21.45 -20.31
C LYS A 137 -8.78 -21.76 -20.96
N GLU A 138 -8.45 -21.16 -22.12
CA GLU A 138 -7.15 -21.44 -22.74
C GLU A 138 -5.98 -21.08 -21.84
N ALA A 139 -5.97 -19.86 -21.29
CA ALA A 139 -4.86 -19.43 -20.45
C ALA A 139 -4.77 -20.31 -19.22
N LEU A 140 -5.90 -20.51 -18.57
CA LEU A 140 -5.92 -21.35 -17.39
C LEU A 140 -5.27 -22.70 -17.66
N ARG A 141 -5.53 -23.29 -18.83
CA ARG A 141 -4.97 -24.60 -19.15
C ARG A 141 -3.48 -24.60 -19.33
N PHE A 142 -2.87 -23.55 -19.88
CA PHE A 142 -1.44 -23.64 -20.08
C PHE A 142 -0.63 -22.69 -19.23
N LEU A 143 -1.15 -21.52 -18.87
CA LEU A 143 -0.39 -20.61 -18.03
C LEU A 143 -0.59 -20.83 -16.53
N GLY A 144 -1.76 -21.28 -16.07
CA GLY A 144 -1.99 -21.51 -14.66
C GLY A 144 -3.09 -20.66 -14.10
N PRO A 145 -3.32 -20.73 -12.78
CA PRO A 145 -4.41 -19.92 -12.18
C PRO A 145 -4.25 -18.44 -12.53
N ILE A 146 -5.39 -17.74 -12.60
CA ILE A 146 -5.45 -16.33 -12.98
C ILE A 146 -6.15 -15.51 -11.91
N SER A 147 -5.54 -14.39 -11.54
CA SER A 147 -6.14 -13.42 -10.62
C SER A 147 -7.20 -12.64 -11.40
N ILE A 148 -8.44 -12.59 -10.91
CA ILE A 148 -9.53 -11.91 -11.62
C ILE A 148 -10.39 -11.08 -10.68
N SER A 149 -11.35 -10.35 -11.25
CA SER A 149 -12.26 -9.51 -10.47
C SER A 149 -13.68 -9.99 -10.70
N VAL A 150 -14.56 -9.64 -9.77
CA VAL A 150 -15.95 -10.04 -9.93
C VAL A 150 -16.87 -9.20 -9.05
N ALA A 151 -18.13 -9.11 -9.46
CA ALA A 151 -19.19 -8.40 -8.75
C ALA A 151 -19.86 -9.37 -7.77
N VAL A 152 -19.59 -9.20 -6.49
CA VAL A 152 -20.15 -10.04 -5.43
C VAL A 152 -21.44 -9.47 -4.87
N SER A 153 -22.52 -10.23 -4.99
CA SER A 153 -23.81 -9.84 -4.44
C SER A 153 -23.95 -10.26 -2.98
N ASP A 154 -24.93 -9.67 -2.30
CA ASP A 154 -25.15 -9.97 -0.89
C ASP A 154 -25.38 -11.48 -0.64
N ASP A 155 -26.19 -12.15 -1.49
CA ASP A 155 -26.49 -13.60 -1.34
C ASP A 155 -25.29 -14.45 -1.70
N PHE A 156 -24.36 -13.86 -2.42
CA PHE A 156 -23.16 -14.56 -2.81
C PHE A 156 -22.42 -15.04 -1.58
N ALA A 157 -22.50 -14.29 -0.48
CA ALA A 157 -21.82 -14.69 0.74
C ALA A 157 -22.43 -15.95 1.36
N PHE A 158 -23.72 -16.16 1.23
CA PHE A 158 -24.31 -17.36 1.83
C PHE A 158 -23.94 -18.66 1.11
N TYR A 159 -23.53 -18.60 -0.14
CA TYR A 159 -23.20 -19.78 -0.92
C TYR A 159 -22.52 -20.86 -0.09
N LYS A 160 -23.13 -22.04 -0.02
CA LYS A 160 -22.56 -23.17 0.72
C LYS A 160 -22.05 -24.30 -0.16
N GLU A 161 -22.53 -24.43 -1.40
CA GLU A 161 -22.06 -25.51 -2.28
C GLU A 161 -22.77 -25.55 -3.64
N GLY A 162 -22.33 -26.44 -4.53
CA GLY A 162 -22.96 -26.57 -5.84
C GLY A 162 -22.41 -25.69 -6.95
N ILE A 163 -23.28 -25.28 -7.88
CA ILE A 163 -22.93 -24.45 -9.04
C ILE A 163 -23.72 -23.15 -8.99
N PHE A 164 -23.17 -22.21 -8.22
CA PHE A 164 -23.73 -20.87 -8.05
C PHE A 164 -24.10 -20.26 -9.40
N ASP A 165 -25.26 -19.66 -9.44
CA ASP A 165 -25.75 -18.97 -10.62
C ASP A 165 -26.72 -17.89 -10.18
N GLY A 166 -26.56 -17.39 -8.94
CA GLY A 166 -27.42 -16.38 -8.34
C GLY A 166 -27.37 -14.95 -8.85
N GLU A 167 -27.69 -14.01 -7.97
CA GLU A 167 -27.74 -12.60 -8.31
C GLU A 167 -26.32 -12.05 -8.38
N CYS A 168 -26.09 -11.08 -9.27
CA CYS A 168 -24.75 -10.52 -9.33
C CYS A 168 -24.70 -9.18 -8.62
N GLY A 169 -23.50 -8.63 -8.45
CA GLY A 169 -23.38 -7.35 -7.79
C GLY A 169 -23.49 -6.19 -8.76
N ASP A 170 -23.42 -4.99 -8.20
CA ASP A 170 -23.51 -3.75 -8.97
C ASP A 170 -22.45 -3.69 -10.06
N GLN A 171 -21.19 -3.58 -9.63
CA GLN A 171 -20.03 -3.53 -10.49
C GLN A 171 -18.95 -4.38 -9.83
N LEU A 172 -17.82 -4.52 -10.53
CA LEU A 172 -16.69 -5.29 -10.03
C LEU A 172 -16.28 -4.81 -8.64
N ASN A 173 -16.50 -5.63 -7.62
CA ASN A 173 -16.18 -5.22 -6.25
C ASN A 173 -15.41 -6.27 -5.45
N HIS A 174 -14.57 -7.04 -6.10
CA HIS A 174 -13.93 -8.03 -5.27
C HIS A 174 -12.90 -8.75 -6.11
N ALA A 175 -11.85 -9.24 -5.45
CA ALA A 175 -10.79 -9.93 -6.16
C ALA A 175 -10.61 -11.34 -5.64
N VAL A 176 -10.65 -12.29 -6.56
CA VAL A 176 -10.49 -13.70 -6.27
C VAL A 176 -9.63 -14.28 -7.37
N MET A 177 -9.35 -15.57 -7.29
CA MET A 177 -8.59 -16.18 -8.35
C MET A 177 -9.27 -17.41 -8.91
N LEU A 178 -9.09 -17.60 -10.21
CA LEU A 178 -9.59 -18.72 -10.99
C LEU A 178 -8.58 -19.83 -10.88
N VAL A 179 -9.03 -21.05 -10.63
CA VAL A 179 -8.11 -22.16 -10.51
C VAL A 179 -8.39 -23.31 -11.46
N GLY A 180 -9.47 -23.26 -12.22
CA GLY A 180 -9.78 -24.31 -13.16
C GLY A 180 -11.25 -24.31 -13.53
N PHE A 181 -11.62 -25.33 -14.31
CA PHE A 181 -13.01 -25.47 -14.74
C PHE A 181 -13.39 -26.95 -14.72
N GLY A 182 -14.69 -27.23 -14.83
CA GLY A 182 -15.14 -28.61 -14.82
C GLY A 182 -16.54 -28.66 -15.43
N MET A 183 -17.12 -29.86 -15.48
CA MET A 183 -18.46 -29.94 -16.04
C MET A 183 -19.18 -31.18 -15.53
N LYS A 184 -20.19 -30.99 -14.68
CA LYS A 184 -21.01 -32.07 -14.19
C LYS A 184 -22.22 -32.14 -15.11
N GLU A 185 -22.68 -33.35 -15.42
CA GLU A 185 -23.85 -33.49 -16.29
C GLU A 185 -24.99 -33.76 -15.35
N ILE A 186 -25.81 -32.74 -15.11
CA ILE A 186 -26.92 -32.97 -14.21
C ILE A 186 -28.16 -33.42 -14.96
N VAL A 187 -29.24 -33.68 -14.23
CA VAL A 187 -30.50 -34.05 -14.84
C VAL A 187 -31.39 -32.83 -14.85
N ASN A 188 -32.20 -32.72 -15.85
CA ASN A 188 -33.14 -31.62 -15.99
C ASN A 188 -34.31 -31.95 -15.06
N PRO A 189 -34.38 -31.38 -13.86
CA PRO A 189 -35.48 -31.75 -12.96
C PRO A 189 -36.87 -31.59 -13.56
N LEU A 190 -37.00 -31.04 -14.77
CA LEU A 190 -38.30 -30.87 -15.42
C LEU A 190 -38.41 -31.71 -16.68
N THR A 191 -37.47 -31.59 -17.64
CA THR A 191 -37.53 -32.43 -18.81
C THR A 191 -36.93 -33.81 -18.53
N LYS A 192 -36.12 -33.92 -17.47
CA LYS A 192 -35.44 -35.14 -17.10
C LYS A 192 -34.53 -35.61 -18.25
N LYS A 193 -33.50 -34.80 -18.53
CA LYS A 193 -32.60 -35.15 -19.62
C LYS A 193 -31.17 -34.81 -19.28
N GLY A 194 -30.28 -35.57 -19.91
CA GLY A 194 -28.87 -35.41 -19.69
C GLY A 194 -28.41 -34.05 -20.17
N GLU A 195 -28.36 -33.13 -19.23
CA GLU A 195 -27.93 -31.78 -19.52
C GLU A 195 -26.50 -31.63 -19.01
N LYS A 196 -25.73 -30.76 -19.67
CA LYS A 196 -24.33 -30.57 -19.28
C LYS A 196 -24.24 -29.18 -18.68
N HIS A 197 -23.83 -29.12 -17.43
CA HIS A 197 -23.65 -27.87 -16.72
C HIS A 197 -22.16 -27.64 -16.54
N TYR A 198 -21.63 -26.62 -17.21
CA TYR A 198 -20.22 -26.27 -17.17
C TYR A 198 -19.99 -25.21 -16.08
N TYR A 199 -18.78 -25.20 -15.53
CA TYR A 199 -18.50 -24.21 -14.49
C TYR A 199 -17.02 -23.90 -14.38
N TYR A 200 -16.73 -22.71 -13.81
CA TYR A 200 -15.38 -22.22 -13.53
C TYR A 200 -15.17 -22.55 -12.06
N ILE A 201 -13.92 -22.65 -11.61
CA ILE A 201 -13.63 -22.98 -10.21
C ILE A 201 -12.91 -21.80 -9.57
N ILE A 202 -13.56 -21.14 -8.64
CA ILE A 202 -12.99 -19.97 -7.96
C ILE A 202 -12.41 -20.28 -6.57
N LYS A 203 -11.35 -19.58 -6.19
CA LYS A 203 -10.75 -19.71 -4.86
C LYS A 203 -10.96 -18.39 -4.11
N ASN A 204 -11.80 -18.37 -3.07
CA ASN A 204 -12.02 -17.12 -2.36
C ASN A 204 -10.96 -16.88 -1.28
N SER A 205 -11.10 -15.82 -0.51
CA SER A 205 -10.13 -15.52 0.56
C SER A 205 -10.83 -15.26 1.88
N TRP A 206 -11.78 -16.14 2.21
CA TRP A 206 -12.61 -16.15 3.42
C TRP A 206 -12.45 -17.42 4.23
N GLY A 207 -11.24 -17.94 4.29
CA GLY A 207 -10.99 -19.15 5.04
C GLY A 207 -11.67 -20.34 4.44
N GLN A 208 -11.24 -21.51 4.91
CA GLN A 208 -11.80 -22.77 4.45
C GLN A 208 -13.29 -22.92 4.79
N GLN A 209 -13.72 -22.49 5.99
CA GLN A 209 -15.10 -22.59 6.45
C GLN A 209 -16.17 -21.89 5.60
N TRP A 210 -15.84 -21.45 4.41
CA TRP A 210 -16.78 -20.79 3.50
C TRP A 210 -16.93 -21.57 2.21
N GLY A 211 -18.15 -21.65 1.66
CA GLY A 211 -18.35 -22.40 0.43
C GLY A 211 -17.69 -23.76 0.45
N GLU A 212 -17.41 -24.34 -0.72
CA GLU A 212 -16.77 -25.65 -0.72
C GLU A 212 -15.31 -25.54 -0.28
N ARG A 213 -15.04 -25.82 1.00
CA ARG A 213 -13.68 -25.79 1.54
C ARG A 213 -12.94 -24.50 1.19
N GLY A 214 -13.66 -23.40 1.03
CA GLY A 214 -13.11 -22.10 0.68
C GLY A 214 -13.27 -21.71 -0.77
N PHE A 215 -13.60 -22.66 -1.63
CA PHE A 215 -13.80 -22.51 -3.07
C PHE A 215 -15.27 -22.37 -3.47
N ILE A 216 -15.51 -21.75 -4.63
CA ILE A 216 -16.87 -21.64 -5.17
C ILE A 216 -16.81 -21.89 -6.67
N ASN A 217 -17.87 -22.47 -7.23
CA ASN A 217 -18.01 -22.82 -8.64
C ASN A 217 -18.98 -21.89 -9.36
N ILE A 218 -18.60 -21.31 -10.50
CA ILE A 218 -19.52 -20.43 -11.23
C ILE A 218 -19.94 -21.03 -12.57
N GLU A 219 -21.24 -20.94 -12.89
CA GLU A 219 -21.74 -21.47 -14.15
C GLU A 219 -20.99 -20.83 -15.33
N THR A 220 -21.00 -21.54 -16.45
CA THR A 220 -20.38 -21.04 -17.66
C THR A 220 -20.63 -22.03 -18.78
N ASP A 221 -20.17 -21.73 -19.98
CA ASP A 221 -20.35 -22.59 -21.12
C ASP A 221 -19.05 -23.22 -21.61
N GLU A 222 -19.21 -24.30 -22.39
CA GLU A 222 -18.10 -25.07 -22.96
C GLU A 222 -16.99 -24.18 -23.47
N SER A 223 -17.35 -23.10 -24.15
CA SER A 223 -16.35 -22.21 -24.72
C SER A 223 -15.56 -21.49 -23.63
N GLY A 224 -16.17 -21.25 -22.46
CA GLY A 224 -15.49 -20.53 -21.41
C GLY A 224 -15.47 -19.06 -21.75
N LEU A 225 -16.66 -18.57 -22.11
CA LEU A 225 -16.91 -17.20 -22.50
C LEU A 225 -17.99 -16.59 -21.65
N MET A 226 -18.81 -17.42 -21.03
CA MET A 226 -19.88 -16.96 -20.16
C MET A 226 -19.25 -16.64 -18.81
N ARG A 227 -18.93 -15.36 -18.63
CA ARG A 227 -18.32 -14.87 -17.41
C ARG A 227 -19.42 -14.22 -16.56
N LYS A 228 -20.18 -15.04 -15.82
CA LYS A 228 -21.25 -14.49 -14.96
C LYS A 228 -20.73 -13.42 -14.02
N CYS A 229 -21.62 -12.54 -13.53
CA CYS A 229 -21.17 -11.48 -12.58
C CYS A 229 -19.91 -10.70 -12.99
N GLY A 230 -19.67 -10.56 -14.29
CA GLY A 230 -18.53 -9.77 -14.73
C GLY A 230 -17.22 -10.52 -14.63
N LEU A 231 -17.27 -11.77 -14.20
CA LEU A 231 -16.15 -12.68 -14.07
C LEU A 231 -14.96 -12.26 -14.92
N GLY A 232 -13.80 -12.32 -14.31
CA GLY A 232 -12.56 -12.02 -14.99
C GLY A 232 -12.50 -10.82 -15.90
N THR A 233 -13.44 -9.88 -15.74
CA THR A 233 -13.35 -8.67 -16.55
C THR A 233 -11.93 -8.15 -16.47
N ASP A 234 -11.40 -8.14 -15.26
CA ASP A 234 -10.01 -7.78 -15.02
C ASP A 234 -9.37 -9.13 -14.73
N ALA A 235 -8.42 -9.53 -15.56
CA ALA A 235 -7.76 -10.81 -15.39
C ALA A 235 -6.28 -10.68 -15.68
N PHE A 236 -5.45 -11.12 -14.72
CA PHE A 236 -4.00 -11.07 -14.81
C PHE A 236 -3.46 -12.35 -14.19
N ILE A 237 -2.27 -12.72 -14.64
CA ILE A 237 -1.54 -13.91 -14.17
C ILE A 237 -0.05 -13.56 -14.10
N PRO A 238 0.60 -13.65 -12.93
CA PRO A 238 2.01 -13.26 -12.86
C PRO A 238 2.92 -14.29 -13.50
N LEU A 239 4.08 -13.80 -13.91
CA LEU A 239 5.10 -14.63 -14.52
C LEU A 239 6.42 -14.54 -13.77
N ILE A 240 6.98 -15.71 -13.50
CA ILE A 240 8.27 -15.81 -12.85
C ILE A 240 9.34 -16.38 -13.78
N GLU A 241 8.99 -16.62 -15.04
CA GLU A 241 9.91 -17.11 -16.07
C GLU A 241 9.90 -16.28 -17.35
N GLN B 1 17.90 23.75 26.38
CA GLN B 1 17.48 23.25 25.06
C GLN B 1 18.61 22.45 24.40
N MET B 2 18.35 21.84 23.23
CA MET B 2 19.35 21.08 22.49
C MET B 2 19.68 21.76 21.17
N ASN B 3 20.97 22.07 20.99
CA ASN B 3 21.55 22.73 19.81
C ASN B 3 22.11 21.63 18.91
N TYR B 4 21.50 21.51 17.73
CA TYR B 4 21.84 20.52 16.71
C TYR B 4 23.11 19.70 16.91
N GLU B 5 24.28 20.29 16.71
CA GLU B 5 25.57 19.60 16.85
C GLU B 5 25.80 18.65 18.02
N GLU B 6 25.26 18.91 19.21
CA GLU B 6 25.51 17.99 20.32
C GLU B 6 24.95 16.60 20.08
N VAL B 7 23.75 16.50 19.50
CA VAL B 7 23.19 15.18 19.29
C VAL B 7 23.53 14.63 17.92
N ILE B 8 23.55 15.48 16.89
CA ILE B 8 23.87 15.03 15.54
C ILE B 8 25.20 14.32 15.52
N LYS B 9 26.12 14.74 16.40
CA LYS B 9 27.42 14.10 16.47
C LYS B 9 27.23 12.69 16.99
N LYS B 10 26.36 12.53 18.00
CA LYS B 10 26.07 11.24 18.60
C LYS B 10 25.41 10.27 17.63
N TYR B 11 24.94 10.74 16.47
CA TYR B 11 24.27 9.88 15.51
C TYR B 11 24.96 9.82 14.15
N LYS B 12 25.30 10.95 13.55
CA LYS B 12 25.72 10.98 12.14
C LYS B 12 26.93 10.08 11.88
N GLY B 13 28.12 10.67 11.84
CA GLY B 13 29.37 9.92 11.86
C GLY B 13 30.06 9.69 10.52
N ASN B 14 30.12 10.71 9.65
CA ASN B 14 30.72 10.62 8.31
C ASN B 14 29.94 9.56 7.53
N GLU B 15 30.56 8.46 7.10
CA GLU B 15 29.88 7.39 6.39
C GLU B 15 29.48 7.75 4.98
N ASN B 16 29.94 6.93 4.05
CA ASN B 16 29.65 7.10 2.62
C ASN B 16 28.32 6.41 2.27
N PHE B 17 27.27 6.82 2.97
CA PHE B 17 25.93 6.26 2.74
C PHE B 17 25.41 6.68 1.39
N ASP B 18 24.53 5.87 0.80
CA ASP B 18 23.97 6.19 -0.50
C ASP B 18 23.08 7.42 -0.39
N HIS B 19 23.46 8.48 -1.10
CA HIS B 19 22.79 9.76 -1.14
C HIS B 19 21.64 9.80 -2.15
N ALA B 20 21.42 8.73 -2.91
CA ALA B 20 20.36 8.77 -3.93
C ALA B 20 18.98 8.45 -3.36
N ALA B 21 18.86 7.54 -2.39
CA ALA B 21 17.52 7.24 -1.91
C ALA B 21 17.53 6.43 -0.61
N TYR B 22 16.57 6.73 0.26
CA TYR B 22 16.29 6.01 1.51
C TYR B 22 14.86 6.42 1.79
N ASP B 23 13.97 5.45 2.02
CA ASP B 23 12.54 5.72 2.21
C ASP B 23 11.99 5.15 3.52
N TRP B 24 11.89 6.02 4.52
CA TRP B 24 11.40 5.58 5.82
C TRP B 24 10.06 4.87 5.74
N ARG B 25 9.28 5.10 4.70
CA ARG B 25 8.00 4.43 4.62
C ARG B 25 8.17 2.95 4.73
N LEU B 26 9.05 2.40 3.92
CA LEU B 26 9.31 0.96 3.91
C LEU B 26 10.50 0.56 4.79
N HIS B 27 10.48 1.09 6.01
CA HIS B 27 11.45 0.78 7.06
C HIS B 27 10.82 0.98 8.43
N SER B 28 9.48 0.97 8.49
CA SER B 28 8.67 1.11 9.70
C SER B 28 8.91 2.48 10.31
N GLY B 29 8.90 3.50 9.46
CA GLY B 29 9.11 4.82 10.01
C GLY B 29 8.08 5.89 9.68
N VAL B 30 6.99 5.55 9.01
CA VAL B 30 6.00 6.55 8.62
C VAL B 30 4.59 6.06 8.95
N THR B 31 3.96 6.67 9.96
CA THR B 31 2.60 6.33 10.33
C THR B 31 1.65 6.82 9.21
N PRO B 32 0.43 6.29 9.17
CA PRO B 32 -0.57 6.66 8.14
C PRO B 32 -0.85 8.16 8.05
N VAL B 33 -1.15 8.61 6.82
CA VAL B 33 -1.45 10.02 6.60
C VAL B 33 -2.78 10.40 7.25
N LYS B 34 -2.89 11.65 7.70
CA LYS B 34 -4.14 12.11 8.31
C LYS B 34 -4.74 13.22 7.44
N ASP B 35 -5.83 13.87 7.91
CA ASP B 35 -6.49 14.93 7.13
C ASP B 35 -6.89 16.10 8.04
N GLN B 36 -6.21 17.25 7.92
CA GLN B 36 -6.54 18.42 8.76
C GLN B 36 -7.84 19.10 8.36
N LYS B 37 -8.43 18.69 7.24
CA LYS B 37 -9.70 19.27 6.76
C LYS B 37 -9.60 20.79 6.62
N ASN B 38 -10.74 21.46 6.67
CA ASN B 38 -10.83 22.92 6.51
C ASN B 38 -10.38 23.71 7.74
N CYS B 39 -9.51 23.12 8.55
CA CYS B 39 -8.95 23.74 9.74
C CYS B 39 -7.45 23.87 9.50
N GLY B 40 -6.87 25.03 9.83
CA GLY B 40 -5.46 25.31 9.60
C GLY B 40 -4.49 24.65 10.56
N SER B 41 -4.47 23.32 10.55
CA SER B 41 -3.65 22.57 11.50
C SER B 41 -2.40 22.00 10.90
N TRP B 43 0.73 22.90 11.00
CA TRP B 43 1.80 22.80 11.98
C TRP B 43 1.66 21.66 12.96
N ALA B 44 0.45 21.44 13.47
CA ALA B 44 0.26 20.37 14.43
C ALA B 44 0.41 19.00 13.80
N PHE B 45 -0.22 18.80 12.65
CA PHE B 45 -0.12 17.50 11.98
C PHE B 45 1.32 17.18 11.62
N SER B 46 2.07 18.20 11.22
CA SER B 46 3.45 17.96 10.83
C SER B 46 4.29 17.55 12.02
N SER B 47 4.22 18.33 13.09
CA SER B 47 4.99 18.03 14.29
C SER B 47 4.60 16.69 14.89
N ILE B 48 3.30 16.46 15.06
CA ILE B 48 2.82 15.19 15.62
C ILE B 48 3.41 14.03 14.85
N GLY B 49 3.29 14.08 13.54
CA GLY B 49 3.83 13.03 12.68
C GLY B 49 5.28 12.67 12.96
N SER B 50 6.13 13.68 13.13
CA SER B 50 7.52 13.38 13.41
C SER B 50 7.65 12.66 14.73
N VAL B 51 6.75 12.94 15.67
CA VAL B 51 6.81 12.23 16.94
C VAL B 51 6.39 10.80 16.73
N GLU B 52 5.30 10.60 15.99
CA GLU B 52 4.82 9.26 15.72
C GLU B 52 5.95 8.42 15.14
N SER B 53 6.75 9.01 14.26
CA SER B 53 7.85 8.30 13.63
C SER B 53 8.95 8.01 14.62
N GLN B 54 9.24 8.98 15.49
CA GLN B 54 10.27 8.76 16.48
C GLN B 54 9.90 7.59 17.38
N TYR B 55 8.63 7.46 17.74
CA TYR B 55 8.23 6.32 18.54
C TYR B 55 8.34 5.05 17.71
N ALA B 56 7.73 5.09 16.52
CA ALA B 56 7.78 3.94 15.62
C ALA B 56 9.22 3.47 15.38
N ILE B 57 10.18 4.38 15.41
CA ILE B 57 11.57 3.98 15.18
C ILE B 57 12.24 3.60 16.50
N ARG B 58 12.79 4.57 17.23
CA ARG B 58 13.45 4.33 18.51
C ARG B 58 12.73 3.31 19.39
N LYS B 59 11.64 3.72 20.03
CA LYS B 59 10.89 2.83 20.90
C LYS B 59 10.06 1.73 20.21
N ASN B 60 10.39 1.36 18.95
CA ASN B 60 9.66 0.37 18.16
C ASN B 60 8.21 0.17 18.58
N LYS B 61 7.42 1.24 18.57
CA LYS B 61 6.01 1.20 18.93
C LYS B 61 5.25 2.03 17.92
N LEU B 62 4.12 1.51 17.47
CA LEU B 62 3.32 2.25 16.52
C LEU B 62 2.30 2.98 17.36
N ILE B 63 2.29 4.31 17.21
CA ILE B 63 1.39 5.14 18.00
C ILE B 63 1.03 6.40 17.23
N THR B 64 -0.26 6.74 17.24
CA THR B 64 -0.75 7.99 16.63
C THR B 64 -1.21 8.90 17.77
N LEU B 65 -0.78 10.16 17.73
CA LEU B 65 -1.09 11.10 18.79
C LEU B 65 -2.11 12.15 18.38
N SER B 66 -2.74 12.76 19.39
CA SER B 66 -3.81 13.74 19.17
C SER B 66 -3.38 15.09 18.65
N GLU B 67 -3.67 15.36 17.38
CA GLU B 67 -3.36 16.68 16.88
C GLU B 67 -4.32 17.68 17.50
N GLN B 68 -5.55 17.23 17.77
CA GLN B 68 -6.54 18.12 18.35
C GLN B 68 -6.11 18.64 19.69
N GLU B 69 -5.37 17.84 20.45
CA GLU B 69 -4.98 18.36 21.74
C GLU B 69 -3.96 19.47 21.60
N LEU B 70 -3.21 19.50 20.49
CA LEU B 70 -2.23 20.56 20.32
C LEU B 70 -2.93 21.83 19.93
N VAL B 71 -3.84 21.74 18.97
CA VAL B 71 -4.54 22.94 18.57
C VAL B 71 -5.26 23.52 19.75
N ASP B 72 -5.66 22.68 20.70
CA ASP B 72 -6.40 23.20 21.83
C ASP B 72 -5.55 23.64 23.01
N CYS B 73 -4.37 23.06 23.20
CA CYS B 73 -3.54 23.35 24.36
C CYS B 73 -2.13 23.96 24.22
N SER B 74 -1.50 24.02 23.05
CA SER B 74 -0.14 24.56 23.12
C SER B 74 -0.10 26.05 23.46
N PHE B 75 -1.07 26.81 23.02
CA PHE B 75 -1.17 28.24 23.23
C PHE B 75 0.00 29.02 22.63
N LYS B 76 1.11 28.34 22.33
CA LYS B 76 2.21 29.04 21.67
C LYS B 76 1.98 29.07 20.17
N ASN B 77 0.79 28.63 19.78
CA ASN B 77 0.31 28.57 18.42
C ASN B 77 -1.08 29.17 18.42
N TYR B 78 -1.82 29.14 17.32
CA TYR B 78 -3.17 29.72 17.24
C TYR B 78 -4.19 28.73 16.67
N GLY B 79 -4.17 27.51 17.21
CA GLY B 79 -5.12 26.50 16.78
C GLY B 79 -5.37 26.47 15.28
N CYS B 80 -6.65 26.37 14.88
CA CYS B 80 -6.98 26.27 13.47
C CYS B 80 -6.51 27.47 12.64
N ASN B 81 -6.09 28.54 13.29
CA ASN B 81 -5.65 29.70 12.53
C ASN B 81 -4.16 29.66 12.19
N GLY B 82 -3.47 28.54 12.40
CA GLY B 82 -2.06 28.40 12.04
C GLY B 82 -1.13 28.28 13.24
N GLY B 83 0.11 27.89 12.94
CA GLY B 83 1.13 27.72 13.97
C GLY B 83 2.50 27.35 13.40
N LEU B 84 3.48 27.21 14.32
CA LEU B 84 4.87 26.88 14.00
C LEU B 84 5.37 25.63 14.73
N ILE B 85 6.00 24.72 13.98
CA ILE B 85 6.56 23.44 14.44
C ILE B 85 7.27 23.53 15.78
N ASN B 86 8.27 24.40 15.84
CA ASN B 86 9.04 24.51 17.07
C ASN B 86 8.19 24.94 18.26
N ASN B 87 7.20 25.82 18.04
CA ASN B 87 6.37 26.18 19.17
C ASN B 87 5.69 24.95 19.72
N ALA B 88 5.15 24.13 18.83
CA ALA B 88 4.49 22.89 19.22
C ALA B 88 5.40 22.06 20.11
N PHE B 89 6.55 21.64 19.57
CA PHE B 89 7.48 20.84 20.38
C PHE B 89 7.76 21.47 21.73
N GLU B 90 7.89 22.79 21.80
CA GLU B 90 8.13 23.41 23.09
C GLU B 90 7.03 23.01 24.05
N ASP B 91 5.85 23.54 23.76
CA ASP B 91 4.65 23.32 24.55
C ASP B 91 4.39 21.85 24.83
N MET B 92 4.81 20.97 23.91
CA MET B 92 4.64 19.54 24.08
C MET B 92 5.38 19.11 25.32
N ILE B 93 6.59 19.65 25.48
CA ILE B 93 7.40 19.34 26.65
C ILE B 93 6.79 19.95 27.90
N GLU B 94 6.32 21.21 27.80
CA GLU B 94 5.70 21.90 28.94
C GLU B 94 4.56 21.09 29.52
N LEU B 95 3.73 20.55 28.64
CA LEU B 95 2.56 19.75 28.93
C LEU B 95 2.98 18.35 29.33
N GLY B 96 4.27 18.07 29.13
CA GLY B 96 5.01 16.83 29.33
C GLY B 96 4.55 15.60 28.58
N GLY B 97 3.30 15.58 28.10
CA GLY B 97 2.77 14.45 27.35
C GLY B 97 1.51 14.83 26.60
N ILE B 98 1.20 14.04 25.57
CA ILE B 98 0.02 14.24 24.73
C ILE B 98 -0.85 13.00 24.67
N CYS B 99 -2.15 13.23 24.63
CA CYS B 99 -3.10 12.16 24.55
C CYS B 99 -2.97 11.46 23.20
N THR B 100 -3.12 10.14 23.19
CA THR B 100 -3.22 9.43 21.93
C THR B 100 -4.39 10.00 21.13
N ASP B 101 -4.27 10.02 19.80
CA ASP B 101 -5.43 10.45 19.00
C ASP B 101 -6.69 9.62 19.23
N ASP B 102 -6.63 8.47 19.92
CA ASP B 102 -7.90 7.79 20.20
C ASP B 102 -8.61 8.30 21.44
N ASP B 103 -7.88 8.58 22.53
CA ASP B 103 -8.54 9.17 23.68
C ASP B 103 -8.87 10.65 23.48
N TYR B 104 -8.35 11.28 22.41
CA TYR B 104 -8.51 12.72 22.16
C TYR B 104 -8.64 12.85 20.64
N PRO B 105 -9.75 12.32 20.12
CA PRO B 105 -10.05 12.36 18.69
C PRO B 105 -10.02 13.76 18.10
N TYR B 106 -9.71 13.83 16.81
CA TYR B 106 -9.63 15.09 16.08
C TYR B 106 -11.03 15.58 15.70
N VAL B 107 -11.26 16.89 15.76
CA VAL B 107 -12.57 17.43 15.40
C VAL B 107 -12.45 18.67 14.51
N SER B 108 -11.34 18.79 13.79
CA SER B 108 -11.03 19.91 12.90
C SER B 108 -11.43 21.27 13.47
N ASP B 109 -12.20 22.04 12.69
CA ASP B 109 -12.64 23.40 13.04
C ASP B 109 -13.73 23.44 14.11
N ALA B 110 -14.23 22.28 14.56
CA ALA B 110 -15.29 22.23 15.56
C ALA B 110 -14.81 22.74 16.92
N PRO B 111 -15.42 23.83 17.45
CA PRO B 111 -15.02 24.36 18.75
C PRO B 111 -14.70 23.24 19.72
N ASN B 112 -13.77 23.47 20.63
CA ASN B 112 -13.39 22.38 21.49
C ASN B 112 -12.44 22.86 22.56
N LEU B 113 -12.83 22.75 23.82
CA LEU B 113 -11.96 23.17 24.91
C LEU B 113 -10.73 22.27 25.03
N CYS B 114 -9.72 22.78 25.71
CA CYS B 114 -8.50 22.02 25.93
C CYS B 114 -8.60 21.28 27.26
N ASN B 115 -8.51 19.95 27.22
CA ASN B 115 -8.54 19.19 28.47
C ASN B 115 -7.33 18.27 28.50
N ILE B 116 -6.24 18.63 29.18
CA ILE B 116 -5.11 17.71 29.15
C ILE B 116 -5.43 16.40 29.86
N ASP B 117 -6.49 16.39 30.64
CA ASP B 117 -6.86 15.21 31.39
C ASP B 117 -7.70 14.23 30.58
N ARG B 118 -8.06 14.56 29.33
CA ARG B 118 -8.91 13.70 28.47
C ARG B 118 -8.36 12.28 28.29
N CYS B 119 -7.25 11.97 28.95
CA CYS B 119 -6.64 10.64 28.88
C CYS B 119 -5.76 10.44 30.10
N THR B 120 -5.21 9.24 30.18
CA THR B 120 -4.37 8.86 31.31
C THR B 120 -3.00 8.34 30.90
N GLU B 121 -2.78 7.99 29.65
CA GLU B 121 -1.47 7.55 29.19
C GLU B 121 -0.96 8.63 28.24
N LYS B 122 -0.17 9.56 28.76
CA LYS B 122 0.36 10.63 27.93
C LYS B 122 1.74 10.31 27.38
N TYR B 123 1.89 10.46 26.06
CA TYR B 123 3.16 10.22 25.36
C TYR B 123 3.90 11.52 25.07
N GLY B 124 5.18 11.63 25.50
CA GLY B 124 5.92 12.88 25.29
C GLY B 124 7.27 12.86 24.57
N ILE B 125 8.04 13.95 24.69
CA ILE B 125 9.37 14.13 24.05
C ILE B 125 10.36 14.81 25.00
N LYS B 126 11.61 14.33 25.01
CA LYS B 126 12.65 14.96 25.87
C LYS B 126 13.06 16.36 25.41
N ASN B 127 13.30 16.57 24.11
CA ASN B 127 13.71 17.90 23.62
C ASN B 127 13.66 17.84 22.08
N TYR B 128 14.13 18.90 21.41
CA TYR B 128 14.09 18.94 19.94
C TYR B 128 15.18 19.79 19.31
N LEU B 129 15.83 19.25 18.29
CA LEU B 129 16.91 19.91 17.57
C LEU B 129 16.41 20.55 16.27
N SER B 130 17.21 21.48 15.74
CA SER B 130 16.94 22.12 14.45
C SER B 130 18.00 21.63 13.48
N VAL B 131 17.57 21.12 12.32
CA VAL B 131 18.52 20.58 11.35
C VAL B 131 18.96 21.60 10.30
N PRO B 132 20.27 21.64 10.00
CA PRO B 132 20.80 22.60 9.02
C PRO B 132 20.11 22.57 7.66
N ASP B 133 19.83 23.76 7.15
CA ASP B 133 19.19 23.99 5.86
C ASP B 133 19.83 23.25 4.69
N ASN B 134 21.04 22.71 4.87
CA ASN B 134 21.74 21.99 3.81
C ASN B 134 22.23 20.63 4.27
N LYS B 135 21.51 20.03 5.16
CA LYS B 135 21.85 18.73 5.73
C LYS B 135 20.61 17.84 5.79
N LEU B 136 19.64 18.07 4.91
CA LEU B 136 18.44 17.25 4.95
C LEU B 136 18.71 15.79 4.63
N LYS B 137 19.02 15.44 3.38
CA LYS B 137 19.29 14.03 3.11
C LYS B 137 20.17 13.38 4.16
N GLU B 138 21.22 14.06 4.59
CA GLU B 138 22.08 13.48 5.61
C GLU B 138 21.28 13.17 6.86
N ALA B 139 20.50 14.16 7.34
CA ALA B 139 19.72 13.99 8.56
C ALA B 139 18.67 12.89 8.43
N LEU B 140 17.89 12.93 7.34
CA LEU B 140 16.85 11.92 7.11
C LEU B 140 17.34 10.49 7.25
N ARG B 141 18.51 10.20 6.69
CA ARG B 141 19.04 8.84 6.70
C ARG B 141 19.39 8.35 8.09
N PHE B 142 19.85 9.24 8.98
CA PHE B 142 20.25 8.80 10.29
C PHE B 142 19.37 9.34 11.43
N LEU B 143 18.80 10.53 11.29
CA LEU B 143 17.97 11.04 12.37
C LEU B 143 16.52 10.60 12.32
N GLY B 144 15.97 10.47 11.12
CA GLY B 144 14.59 10.08 10.92
C GLY B 144 13.80 11.16 10.20
N PRO B 145 12.50 10.98 10.01
CA PRO B 145 11.72 12.00 9.30
C PRO B 145 11.85 13.37 9.97
N ILE B 146 11.71 14.42 9.16
CA ILE B 146 11.86 15.82 9.56
C ILE B 146 10.62 16.65 9.23
N SER B 147 10.18 17.46 10.20
CA SER B 147 9.09 18.41 10.02
C SER B 147 9.63 19.63 9.25
N ILE B 148 9.01 20.02 8.11
CA ILE B 148 9.51 21.17 7.33
C ILE B 148 8.38 22.08 6.84
N SER B 149 8.76 23.19 6.16
CA SER B 149 7.82 24.15 5.61
C SER B 149 8.00 24.27 4.09
N VAL B 150 6.95 24.74 3.39
CA VAL B 150 7.05 24.93 1.94
C VAL B 150 5.95 25.86 1.41
N ALA B 151 6.26 26.53 0.29
CA ALA B 151 5.35 27.42 -0.44
C ALA B 151 4.54 26.65 -1.48
N VAL B 152 3.25 26.42 -1.25
CA VAL B 152 2.42 25.69 -2.21
C VAL B 152 1.81 26.70 -3.16
N SER B 153 2.09 26.55 -4.44
CA SER B 153 1.49 27.48 -5.37
C SER B 153 0.09 27.03 -5.76
N ASP B 154 -0.65 27.99 -6.33
CA ASP B 154 -2.05 27.84 -6.75
C ASP B 154 -2.31 26.68 -7.73
N ASP B 155 -1.43 26.45 -8.73
CA ASP B 155 -1.75 25.36 -9.66
C ASP B 155 -1.61 23.98 -9.03
N PHE B 156 -0.89 23.86 -7.91
CA PHE B 156 -0.79 22.56 -7.26
C PHE B 156 -2.19 22.09 -6.84
N ALA B 157 -2.25 20.93 -6.19
CA ALA B 157 -3.47 20.29 -5.66
C ALA B 157 -4.11 19.21 -6.53
N PHE B 158 -4.08 19.32 -7.86
CA PHE B 158 -4.71 18.28 -8.68
C PHE B 158 -3.92 16.98 -8.67
N TYR B 159 -2.63 17.03 -8.36
CA TYR B 159 -1.76 15.87 -8.31
C TYR B 159 -2.42 14.60 -7.77
N LYS B 160 -2.47 13.55 -8.61
CA LYS B 160 -3.03 12.23 -8.30
C LYS B 160 -1.97 11.14 -8.17
N GLU B 161 -0.78 11.31 -8.75
CA GLU B 161 0.29 10.33 -8.68
C GLU B 161 1.53 10.76 -9.47
N GLY B 162 2.60 9.98 -9.40
CA GLY B 162 3.83 10.29 -10.11
C GLY B 162 4.77 11.15 -9.28
N ILE B 163 5.52 12.00 -9.96
CA ILE B 163 6.48 12.89 -9.31
C ILE B 163 6.09 14.32 -9.68
N PHE B 164 5.10 14.86 -8.97
CA PHE B 164 4.64 16.23 -9.21
C PHE B 164 5.83 17.20 -9.30
N ASP B 165 5.80 18.08 -10.29
CA ASP B 165 6.84 19.10 -10.46
C ASP B 165 6.23 20.25 -11.23
N GLY B 166 5.96 21.37 -10.56
CA GLY B 166 5.36 22.52 -11.21
C GLY B 166 5.38 23.85 -10.49
N GLU B 167 4.87 23.92 -9.26
CA GLU B 167 4.84 25.18 -8.53
C GLU B 167 6.20 25.54 -7.93
N CYS B 168 6.47 26.84 -7.88
CA CYS B 168 7.70 27.37 -7.31
C CYS B 168 7.37 27.93 -5.93
N GLY B 169 8.41 28.31 -5.16
CA GLY B 169 8.19 28.85 -3.82
C GLY B 169 7.94 30.34 -3.71
N ASP B 170 7.75 30.78 -2.46
CA ASP B 170 7.49 32.18 -2.07
C ASP B 170 7.94 32.45 -0.63
N GLN B 171 6.99 32.51 0.30
CA GLN B 171 7.29 32.77 1.71
C GLN B 171 6.86 31.63 2.61
N LEU B 172 6.27 30.58 2.03
CA LEU B 172 5.83 29.39 2.75
C LEU B 172 4.36 29.62 3.06
N ASN B 173 3.61 28.60 3.48
CA ASN B 173 2.19 28.78 3.75
C ASN B 173 1.53 27.43 4.03
N HIS B 174 2.32 26.53 4.61
CA HIS B 174 1.84 25.19 4.90
C HIS B 174 2.91 24.42 5.65
N ALA B 175 2.52 23.46 6.48
CA ALA B 175 3.48 22.65 7.22
C ALA B 175 3.29 21.19 6.91
N VAL B 176 4.38 20.53 6.51
CA VAL B 176 4.40 19.10 6.18
C VAL B 176 5.71 18.50 6.70
N MET B 177 5.87 17.21 6.45
CA MET B 177 7.09 16.51 6.84
C MET B 177 7.76 15.75 5.71
N LEU B 178 9.09 15.74 5.78
CA LEU B 178 9.98 15.05 4.87
C LEU B 178 10.16 13.64 5.39
N VAL B 179 10.05 12.64 4.51
CA VAL B 179 10.19 11.26 4.95
C VAL B 179 11.25 10.48 4.20
N GLY B 180 11.87 11.02 3.16
CA GLY B 180 12.90 10.31 2.44
C GLY B 180 13.12 10.86 1.05
N PHE B 181 14.00 10.17 0.32
CA PHE B 181 14.32 10.58 -1.05
C PHE B 181 14.48 9.33 -1.91
N GLY B 182 14.52 9.54 -3.22
CA GLY B 182 14.69 8.46 -4.16
C GLY B 182 15.16 9.06 -5.46
N MET B 183 15.35 8.22 -6.48
CA MET B 183 15.79 8.76 -7.75
C MET B 183 15.37 7.79 -8.83
N LYS B 184 14.40 8.18 -9.66
CA LYS B 184 13.95 7.35 -10.76
C LYS B 184 14.77 7.75 -11.97
N GLU B 185 15.15 6.77 -12.78
CA GLU B 185 15.94 7.06 -13.98
C GLU B 185 15.04 7.01 -15.18
N ILE B 186 14.74 8.18 -15.72
CA ILE B 186 13.88 8.27 -16.88
C ILE B 186 14.79 8.21 -18.09
N VAL B 187 14.20 8.29 -19.25
CA VAL B 187 14.96 8.30 -20.49
C VAL B 187 15.06 9.77 -20.87
N ASN B 188 16.10 10.10 -21.61
CA ASN B 188 16.37 11.45 -22.08
C ASN B 188 15.45 11.80 -23.25
N PRO B 189 14.32 12.47 -23.00
CA PRO B 189 13.40 12.82 -24.09
C PRO B 189 14.01 13.66 -25.22
N LEU B 190 15.27 14.10 -25.11
CA LEU B 190 15.87 14.89 -26.18
C LEU B 190 17.06 14.18 -26.82
N THR B 191 18.10 13.84 -26.05
CA THR B 191 19.24 13.08 -26.59
C THR B 191 19.10 11.56 -26.45
N LYS B 192 18.21 11.07 -25.57
CA LYS B 192 18.00 9.64 -25.29
C LYS B 192 19.27 8.98 -24.73
N LYS B 193 19.59 9.38 -23.50
CA LYS B 193 20.74 8.91 -22.74
C LYS B 193 20.34 8.78 -21.28
N GLY B 194 21.07 7.94 -20.55
CA GLY B 194 20.73 7.73 -19.15
C GLY B 194 20.86 8.93 -18.25
N GLU B 195 19.75 9.60 -17.96
CA GLU B 195 19.73 10.79 -17.11
C GLU B 195 19.24 10.43 -15.72
N LYS B 196 19.72 11.17 -14.72
CA LYS B 196 19.38 10.92 -13.32
C LYS B 196 18.55 12.06 -12.78
N HIS B 197 17.32 11.75 -12.35
CA HIS B 197 16.38 12.70 -11.75
C HIS B 197 16.24 12.40 -10.25
N TYR B 198 16.72 13.29 -9.39
CA TYR B 198 16.63 13.06 -7.95
C TYR B 198 15.38 13.74 -7.39
N TYR B 199 14.84 13.22 -6.28
CA TYR B 199 13.66 13.84 -5.70
C TYR B 199 13.54 13.53 -4.20
N TYR B 200 12.79 14.38 -3.48
CA TYR B 200 12.47 14.24 -2.06
C TYR B 200 11.09 13.62 -1.89
N ILE B 201 10.84 13.00 -0.73
CA ILE B 201 9.54 12.39 -0.44
C ILE B 201 8.89 13.10 0.76
N ILE B 202 7.80 13.82 0.49
CA ILE B 202 7.04 14.57 1.51
C ILE B 202 5.81 13.81 1.97
N LYS B 203 5.47 13.97 3.25
CA LYS B 203 4.28 13.37 3.84
C LYS B 203 3.27 14.46 4.18
N ASN B 204 2.18 14.48 3.44
CA ASN B 204 1.12 15.46 3.63
C ASN B 204 0.11 15.03 4.68
N SER B 205 -0.92 15.84 4.85
CA SER B 205 -2.00 15.59 5.79
C SER B 205 -3.39 15.76 5.15
N TRP B 206 -3.61 15.17 3.96
CA TRP B 206 -4.89 15.26 3.24
C TRP B 206 -5.53 13.89 2.99
N GLY B 207 -5.38 12.96 3.94
CA GLY B 207 -5.89 11.61 3.91
C GLY B 207 -5.28 10.72 2.83
N GLN B 208 -5.48 9.40 2.95
CA GLN B 208 -4.93 8.47 1.97
C GLN B 208 -5.48 8.70 0.56
N GLN B 209 -6.78 8.97 0.45
CA GLN B 209 -7.44 9.18 -0.85
C GLN B 209 -6.90 10.31 -1.75
N TRP B 210 -5.75 10.91 -1.44
CA TRP B 210 -5.17 11.96 -2.26
C TRP B 210 -3.80 11.55 -2.78
N GLY B 211 -3.48 11.87 -4.04
CA GLY B 211 -2.22 11.50 -4.66
C GLY B 211 -1.82 10.06 -4.40
N GLU B 212 -0.53 9.71 -4.51
CA GLU B 212 -0.18 8.31 -4.27
C GLU B 212 -0.29 8.13 -2.78
N ARG B 213 -1.43 7.59 -2.36
CA ARG B 213 -1.68 7.33 -0.95
C ARG B 213 -1.37 8.57 -0.08
N GLY B 214 -1.49 9.81 -0.61
CA GLY B 214 -1.24 11.01 0.18
C GLY B 214 0.11 11.71 0.04
N PHE B 215 1.11 11.07 -0.55
CA PHE B 215 2.47 11.60 -0.70
C PHE B 215 2.74 12.24 -2.05
N ILE B 216 3.75 13.13 -2.06
CA ILE B 216 4.21 13.79 -3.28
C ILE B 216 5.73 13.84 -3.38
N ASN B 217 6.24 13.80 -4.62
CA ASN B 217 7.66 13.82 -4.90
C ASN B 217 8.07 15.19 -5.46
N ILE B 218 9.11 15.81 -4.86
CA ILE B 218 9.62 17.11 -5.29
C ILE B 218 11.02 17.00 -5.85
N GLU B 219 11.27 17.71 -6.95
CA GLU B 219 12.58 17.68 -7.58
C GLU B 219 13.68 18.07 -6.57
N THR B 220 14.91 17.62 -6.86
CA THR B 220 16.10 17.93 -6.06
C THR B 220 17.36 17.29 -6.69
N ASP B 221 18.54 17.56 -6.12
CA ASP B 221 19.80 17.01 -6.63
C ASP B 221 20.44 16.03 -5.64
N GLU B 222 21.35 15.22 -6.17
CA GLU B 222 22.12 14.20 -5.44
C GLU B 222 22.63 14.61 -4.06
N SER B 223 23.13 15.85 -3.96
CA SER B 223 23.71 16.36 -2.71
C SER B 223 22.67 16.51 -1.61
N GLY B 224 21.41 16.73 -1.98
CA GLY B 224 20.33 16.94 -1.04
C GLY B 224 20.49 18.33 -0.52
N LEU B 225 20.68 19.23 -1.50
CA LEU B 225 20.86 20.66 -1.30
C LEU B 225 19.87 21.51 -2.10
N MET B 226 19.29 20.98 -3.18
CA MET B 226 18.31 21.70 -4.01
C MET B 226 16.95 21.60 -3.32
N ARG B 227 16.66 22.61 -2.52
CA ARG B 227 15.41 22.63 -1.79
C ARG B 227 14.44 23.56 -2.51
N LYS B 228 13.80 23.08 -3.58
CA LYS B 228 12.84 23.95 -4.23
C LYS B 228 11.83 24.49 -3.22
N CYS B 229 11.18 25.62 -3.54
CA CYS B 229 10.15 26.22 -2.68
C CYS B 229 10.58 26.35 -1.22
N GLY B 230 11.89 26.45 -0.95
CA GLY B 230 12.33 26.63 0.42
C GLY B 230 12.34 25.37 1.26
N LEU B 231 11.99 24.23 0.66
CA LEU B 231 11.96 22.91 1.28
C LEU B 231 12.82 22.80 2.53
N GLY B 232 12.24 23.00 3.71
CA GLY B 232 13.02 22.85 4.90
C GLY B 232 13.70 24.09 5.40
N THR B 233 13.23 25.26 4.99
CA THR B 233 13.79 26.49 5.52
C THR B 233 13.84 26.34 7.03
N ASP B 234 12.71 25.90 7.58
CA ASP B 234 12.51 25.58 8.97
C ASP B 234 12.44 24.05 9.02
N ALA B 235 13.38 23.41 9.72
CA ALA B 235 13.43 21.96 9.83
C ALA B 235 13.79 21.55 11.26
N PHE B 236 12.96 20.70 11.86
CA PHE B 236 13.15 20.20 13.21
C PHE B 236 12.77 18.74 13.31
N ILE B 237 13.35 18.07 14.31
CA ILE B 237 13.11 16.65 14.60
C ILE B 237 13.04 16.48 16.10
N PRO B 238 11.92 16.00 16.64
CA PRO B 238 11.81 15.84 18.08
C PRO B 238 12.63 14.64 18.53
N LEU B 239 13.03 14.67 19.80
CA LEU B 239 13.82 13.61 20.37
C LEU B 239 13.17 12.99 21.61
N ILE B 240 13.14 11.66 21.66
CA ILE B 240 12.60 10.94 22.80
C ILE B 240 13.67 10.18 23.58
N GLU B 241 14.95 10.35 23.24
CA GLU B 241 16.05 9.68 23.97
C GLU B 241 17.18 10.62 24.46
#